data_6QOW
#
_entry.id   6QOW
#
_cell.length_a   75.693
_cell.length_b   78.160
_cell.length_c   88.152
_cell.angle_alpha   90.000
_cell.angle_beta   90.000
_cell.angle_gamma   90.000
#
_symmetry.space_group_name_H-M   'P 21 21 21'
#
loop_
_entity.id
_entity.type
_entity.pdbx_description
1 polymer 'tRNA (guanine-N(1)-)-methyltransferase'
2 non-polymer '6-methoxy-1,3-benzothiazole-2-carboxylic acid'
3 non-polymer 'SULFATE ION'
4 water water
#
_entity_poly.entity_id   1
_entity_poly.type   'polypeptide(L)'
_entity_poly.pdbx_seq_one_letter_code
;GSMKIDVVTIFPEYLQPVRQSLPGKAIDAGLVDVAVHDLRRWTHDVHKSVDDSPYGGGPGMVMKPTVWGDALDEICTSET
LLVVPTPAGYPFTQETAWQWSTEDHLVIACGRYEGIDQRVADDAATRMRVREVSIGDYVLNGGEAAALVIIEAVLRLVPG
VLGNALSAQEDSHSEGMASLLEGPSYTRPPSWRGMDVPPVLLSGDHAKIAAWRAEQSRQRTIERRPDLLGFDSPTGEHGG
DGLS
;
_entity_poly.pdbx_strand_id   A,B
#
loop_
_chem_comp.id
_chem_comp.type
_chem_comp.name
_chem_comp.formula
JBZ non-polymer '6-methoxy-1,3-benzothiazole-2-carboxylic acid' 'C9 H7 N O3 S'
SO4 non-polymer 'SULFATE ION' 'O4 S -2'
#
# COMPACT_ATOMS: atom_id res chain seq x y z
N GLY A 1 -8.28 -22.22 1.48
CA GLY A 1 -7.79 -22.86 0.27
C GLY A 1 -6.27 -22.97 0.26
N SER A 2 -5.71 -23.32 -0.90
CA SER A 2 -4.27 -23.44 -1.04
C SER A 2 -3.76 -22.52 -2.15
N MET A 3 -3.03 -21.48 -1.76
CA MET A 3 -2.54 -20.52 -2.74
C MET A 3 -1.01 -20.44 -2.79
N LYS A 4 -0.48 -20.44 -4.01
CA LYS A 4 0.94 -20.16 -4.25
C LYS A 4 1.08 -18.74 -4.78
N ILE A 5 2.01 -17.96 -4.23
CA ILE A 5 2.33 -16.63 -4.75
C ILE A 5 3.82 -16.58 -5.10
N ASP A 6 4.13 -16.25 -6.36
CA ASP A 6 5.50 -15.98 -6.79
C ASP A 6 5.67 -14.48 -7.06
N VAL A 7 6.71 -13.87 -6.50
CA VAL A 7 7.01 -12.45 -6.74
C VAL A 7 8.34 -12.32 -7.46
N VAL A 8 8.39 -11.54 -8.54
CA VAL A 8 9.63 -11.33 -9.30
C VAL A 8 10.05 -9.86 -9.22
N THR A 9 11.32 -9.64 -8.86
CA THR A 9 11.78 -8.29 -8.47
C THR A 9 13.31 -8.20 -8.53
N ILE A 10 13.84 -6.99 -8.78
CA ILE A 10 15.30 -6.80 -8.65
C ILE A 10 15.75 -6.47 -7.22
N PHE A 11 14.78 -6.38 -6.29
CA PHE A 11 15.06 -6.19 -4.86
C PHE A 11 14.36 -7.27 -4.01
N PRO A 12 14.79 -8.53 -4.13
CA PRO A 12 14.12 -9.61 -3.38
C PRO A 12 14.10 -9.42 -1.84
N GLU A 13 15.07 -8.72 -1.27
CA GLU A 13 15.09 -8.53 0.19
C GLU A 13 13.90 -7.71 0.67
N TYR A 14 13.31 -6.91 -0.22
CA TYR A 14 12.16 -6.08 0.15
C TYR A 14 10.97 -6.93 0.61
N LEU A 15 10.86 -8.15 0.07
CA LEU A 15 9.71 -9.02 0.33
C LEU A 15 9.93 -10.00 1.48
N GLN A 16 11.15 -10.06 2.01
CA GLN A 16 11.48 -11.10 2.99
C GLN A 16 10.68 -11.03 4.31
N PRO A 17 10.48 -9.81 4.87
CA PRO A 17 9.68 -9.78 6.10
C PRO A 17 8.26 -10.35 5.97
N VAL A 18 7.56 -10.12 4.87
CA VAL A 18 6.22 -10.68 4.73
C VAL A 18 6.28 -12.21 4.61
N ARG A 19 7.35 -12.73 4.02
CA ARG A 19 7.57 -14.16 3.96
C ARG A 19 7.59 -14.77 5.36
N GLN A 20 8.32 -14.11 6.26
CA GLN A 20 8.51 -14.61 7.62
C GLN A 20 7.27 -14.38 8.50
N SER A 21 6.41 -13.45 8.09
CA SER A 21 5.21 -13.13 8.86
C SER A 21 4.09 -14.16 8.68
N LEU A 22 4.29 -15.10 7.76
CA LEU A 22 3.34 -16.18 7.59
C LEU A 22 3.38 -17.12 8.78
N PRO A 23 2.21 -17.48 9.32
CA PRO A 23 2.14 -18.44 10.43
C PRO A 23 2.58 -19.84 10.02
N GLY A 24 3.36 -20.50 10.85
CA GLY A 24 3.86 -21.83 10.58
C GLY A 24 2.74 -22.84 10.36
N LYS A 25 1.65 -22.68 11.11
CA LYS A 25 0.51 -23.59 11.01
C LYS A 25 -0.08 -23.62 9.59
N ALA A 26 -0.16 -22.45 8.96
CA ALA A 26 -0.70 -22.36 7.60
C ALA A 26 0.27 -22.95 6.56
N ILE A 27 1.56 -22.72 6.77
CA ILE A 27 2.57 -23.28 5.88
C ILE A 27 2.63 -24.81 6.01
N ASP A 28 2.63 -25.29 7.25
CA ASP A 28 2.70 -26.73 7.50
C ASP A 28 1.46 -27.47 7.00
N ALA A 29 0.33 -26.78 6.97
CA ALA A 29 -0.91 -27.36 6.45
C ALA A 29 -1.02 -27.21 4.93
N GLY A 30 -0.01 -26.59 4.31
CA GLY A 30 0.01 -26.41 2.87
C GLY A 30 -1.08 -25.49 2.36
N LEU A 31 -1.42 -24.48 3.16
CA LEU A 31 -2.45 -23.53 2.78
C LEU A 31 -1.89 -22.39 1.95
N VAL A 32 -0.61 -22.10 2.12
CA VAL A 32 0.00 -20.96 1.46
C VAL A 32 1.50 -21.18 1.29
N ASP A 33 2.04 -20.59 0.22
CA ASP A 33 3.47 -20.58 -0.05
C ASP A 33 3.81 -19.31 -0.84
N VAL A 34 4.69 -18.48 -0.28
CA VAL A 34 5.17 -17.27 -0.96
C VAL A 34 6.65 -17.43 -1.31
N ALA A 35 6.96 -17.37 -2.60
CA ALA A 35 8.34 -17.44 -3.07
C ALA A 35 8.74 -16.15 -3.76
N VAL A 36 9.98 -15.71 -3.56
CA VAL A 36 10.49 -14.47 -4.15
C VAL A 36 11.71 -14.76 -5.04
N HIS A 37 11.72 -14.18 -6.24
CA HIS A 37 12.74 -14.46 -7.25
C HIS A 37 13.44 -13.18 -7.72
N ASP A 38 14.77 -13.23 -7.77
CA ASP A 38 15.58 -12.15 -8.33
C ASP A 38 15.51 -12.16 -9.85
N LEU A 39 14.96 -11.10 -10.45
CA LEU A 39 14.84 -10.99 -11.90
C LEU A 39 16.17 -11.20 -12.61
N ARG A 40 17.28 -10.87 -11.95
CA ARG A 40 18.57 -10.94 -12.62
C ARG A 40 18.99 -12.38 -12.95
N ARG A 41 18.30 -13.36 -12.38
CA ARG A 41 18.51 -14.77 -12.73
C ARG A 41 18.25 -15.03 -14.22
N TRP A 42 17.41 -14.19 -14.85
CA TRP A 42 17.05 -14.39 -16.26
C TRP A 42 17.73 -13.37 -17.21
N THR A 43 18.74 -12.64 -16.74
CA THR A 43 19.50 -11.75 -17.63
C THR A 43 20.42 -12.55 -18.59
N HIS A 44 20.83 -11.91 -19.69
CA HIS A 44 21.56 -12.60 -20.77
C HIS A 44 23.05 -12.31 -20.79
N ASP A 45 23.47 -11.26 -20.08
CA ASP A 45 24.81 -10.72 -20.23
C ASP A 45 25.58 -10.67 -18.93
N VAL A 46 26.90 -10.50 -19.03
CA VAL A 46 27.75 -10.51 -17.83
C VAL A 46 27.45 -9.29 -16.94
N HIS A 47 26.89 -8.22 -17.51
CA HIS A 47 26.56 -7.03 -16.71
C HIS A 47 25.17 -7.09 -16.08
N LYS A 48 24.46 -8.20 -16.29
CA LYS A 48 23.15 -8.47 -15.71
C LYS A 48 22.16 -7.31 -15.94
N SER A 49 22.05 -6.90 -17.20
CA SER A 49 21.24 -5.74 -17.59
C SER A 49 19.74 -6.04 -17.59
N VAL A 50 18.97 -5.19 -16.91
CA VAL A 50 17.50 -5.34 -16.88
C VAL A 50 16.76 -4.17 -17.51
N ASP A 51 17.49 -3.14 -17.94
CA ASP A 51 16.90 -1.90 -18.47
C ASP A 51 17.60 -1.38 -19.73
N ASP A 52 16.92 -0.48 -20.46
CA ASP A 52 17.44 0.09 -21.70
C ASP A 52 16.65 1.39 -22.02
N SER A 53 17.15 2.20 -22.96
CA SER A 53 16.54 3.50 -23.25
C SER A 53 15.15 3.41 -23.90
N PRO A 54 14.27 4.39 -23.62
CA PRO A 54 12.91 4.34 -24.20
C PRO A 54 12.85 4.75 -25.68
N TYR A 55 12.16 3.93 -26.49
CA TYR A 55 11.85 4.33 -27.86
C TYR A 55 10.97 5.58 -27.84
N GLY A 56 11.28 6.53 -28.72
CA GLY A 56 10.51 7.75 -28.80
C GLY A 56 11.02 8.84 -27.86
N GLY A 57 12.05 8.50 -27.09
CA GLY A 57 12.70 9.46 -26.23
C GLY A 57 12.04 9.59 -24.87
N GLY A 58 12.58 10.50 -24.06
CA GLY A 58 12.04 10.73 -22.74
C GLY A 58 13.03 10.42 -21.65
N PRO A 59 12.67 10.71 -20.39
CA PRO A 59 13.54 10.50 -19.25
C PRO A 59 13.51 9.06 -18.77
N GLY A 60 14.49 8.67 -17.97
CA GLY A 60 14.50 7.36 -17.36
C GLY A 60 14.74 6.23 -18.33
N MET A 61 14.50 5.02 -17.85
CA MET A 61 14.74 3.79 -18.59
C MET A 61 13.52 2.86 -18.56
N VAL A 62 13.56 1.82 -19.38
CA VAL A 62 12.44 0.88 -19.51
C VAL A 62 12.95 -0.55 -19.29
N MET A 63 12.21 -1.40 -18.58
CA MET A 63 12.69 -2.76 -18.37
C MET A 63 12.56 -3.61 -19.64
N LYS A 64 13.61 -4.38 -19.91
CA LYS A 64 13.77 -5.18 -21.15
C LYS A 64 12.75 -6.31 -21.31
N PRO A 65 12.12 -6.41 -22.48
CA PRO A 65 11.16 -7.51 -22.70
C PRO A 65 11.79 -8.90 -22.75
N THR A 66 13.02 -9.03 -23.27
CA THR A 66 13.61 -10.37 -23.39
C THR A 66 13.86 -11.03 -22.02
N VAL A 67 14.31 -10.25 -21.03
CA VAL A 67 14.55 -10.74 -19.68
C VAL A 67 13.23 -11.14 -18.99
N TRP A 68 12.26 -10.23 -19.01
CA TRP A 68 10.95 -10.51 -18.41
C TRP A 68 10.22 -11.69 -19.08
N GLY A 69 10.30 -11.77 -20.40
CA GLY A 69 9.67 -12.87 -21.11
C GLY A 69 10.20 -14.23 -20.66
N ASP A 70 11.52 -14.34 -20.48
CA ASP A 70 12.11 -15.61 -20.04
C ASP A 70 11.69 -15.95 -18.60
N ALA A 71 11.66 -14.95 -17.71
CA ALA A 71 11.22 -15.17 -16.33
C ALA A 71 9.78 -15.67 -16.25
N LEU A 72 8.87 -14.99 -16.96
CA LEU A 72 7.46 -15.38 -16.91
C LEU A 72 7.20 -16.72 -17.61
N ASP A 73 7.94 -17.04 -18.68
CA ASP A 73 7.83 -18.35 -19.33
C ASP A 73 8.10 -19.48 -18.32
N GLU A 74 9.11 -19.30 -17.48
CA GLU A 74 9.48 -20.34 -16.51
C GLU A 74 8.48 -20.44 -15.35
N ILE A 75 8.05 -19.31 -14.82
CA ILE A 75 7.23 -19.27 -13.60
C ILE A 75 5.73 -19.46 -13.83
N CYS A 76 5.19 -18.90 -14.92
CA CYS A 76 3.73 -18.95 -15.16
C CYS A 76 3.25 -20.20 -15.88
N THR A 77 1.99 -20.54 -15.65
CA THR A 77 1.29 -21.54 -16.47
C THR A 77 -0.01 -20.94 -16.99
N SER A 78 -0.78 -21.74 -17.72
CA SER A 78 -2.05 -21.25 -18.26
C SER A 78 -3.04 -20.88 -17.14
N GLU A 79 -2.81 -21.41 -15.94
CA GLU A 79 -3.74 -21.19 -14.84
C GLU A 79 -3.37 -19.98 -13.96
N THR A 80 -2.20 -19.41 -14.20
CA THR A 80 -1.69 -18.23 -13.46
C THR A 80 -2.54 -16.98 -13.63
N LEU A 81 -2.75 -16.25 -12.54
CA LEU A 81 -3.23 -14.88 -12.60
C LEU A 81 -2.02 -13.96 -12.46
N LEU A 82 -1.64 -13.29 -13.55
CA LEU A 82 -0.46 -12.40 -13.55
C LEU A 82 -0.88 -11.00 -13.14
N VAL A 83 -0.30 -10.53 -12.04
CA VAL A 83 -0.59 -9.20 -11.47
C VAL A 83 0.59 -8.26 -11.71
N VAL A 84 0.32 -7.11 -12.34
CA VAL A 84 1.39 -6.14 -12.67
C VAL A 84 1.05 -4.77 -12.04
N PRO A 85 1.63 -4.45 -10.88
CA PRO A 85 1.35 -3.14 -10.31
C PRO A 85 1.91 -1.98 -11.15
N THR A 86 1.10 -0.94 -11.35
CA THR A 86 1.51 0.22 -12.16
C THR A 86 0.60 1.41 -11.82
N PRO A 87 1.16 2.65 -11.83
CA PRO A 87 0.30 3.81 -11.57
C PRO A 87 -0.83 3.96 -12.59
N ALA A 88 -0.69 3.36 -13.77
CA ALA A 88 -1.71 3.44 -14.80
C ALA A 88 -2.70 2.28 -14.78
N GLY A 89 -2.73 1.51 -13.68
CA GLY A 89 -3.60 0.35 -13.60
C GLY A 89 -5.04 0.63 -13.20
N TYR A 90 -5.90 -0.39 -13.35
CA TYR A 90 -7.22 -0.37 -12.73
C TYR A 90 -7.08 -0.33 -11.20
N PRO A 91 -8.04 0.28 -10.49
CA PRO A 91 -7.90 0.32 -9.03
C PRO A 91 -8.00 -1.05 -8.33
N PHE A 92 -7.02 -1.34 -7.48
CA PHE A 92 -7.08 -2.50 -6.59
C PHE A 92 -7.89 -2.13 -5.35
N THR A 93 -9.00 -2.84 -5.13
CA THR A 93 -9.88 -2.58 -3.96
C THR A 93 -10.16 -3.85 -3.17
N GLN A 94 -10.92 -3.72 -2.08
CA GLN A 94 -11.27 -4.88 -1.27
C GLN A 94 -12.05 -5.92 -2.08
N GLU A 95 -12.87 -5.46 -3.03
CA GLU A 95 -13.55 -6.37 -3.95
C GLU A 95 -12.55 -7.20 -4.77
N THR A 96 -11.50 -6.55 -5.25
CA THR A 96 -10.43 -7.25 -5.98
C THR A 96 -9.78 -8.31 -5.08
N ALA A 97 -9.50 -7.95 -3.83
CA ALA A 97 -8.83 -8.86 -2.91
C ALA A 97 -9.67 -10.12 -2.69
N TRP A 98 -10.98 -9.94 -2.51
CA TRP A 98 -11.90 -11.08 -2.34
C TRP A 98 -11.88 -11.99 -3.56
N GLN A 99 -11.92 -11.39 -4.75
CA GLN A 99 -11.88 -12.18 -5.98
C GLN A 99 -10.59 -13.00 -6.11
N TRP A 100 -9.46 -12.38 -5.83
CA TRP A 100 -8.16 -13.05 -5.99
C TRP A 100 -7.89 -14.09 -4.89
N SER A 101 -8.61 -13.99 -3.77
CA SER A 101 -8.36 -14.88 -2.62
C SER A 101 -8.67 -16.36 -2.89
N THR A 102 -9.41 -16.64 -3.96
CA THR A 102 -9.72 -18.03 -4.27
C THR A 102 -8.84 -18.61 -5.39
N GLU A 103 -7.84 -17.83 -5.85
CA GLU A 103 -6.95 -18.28 -6.92
C GLU A 103 -5.92 -19.31 -6.46
N ASP A 104 -5.55 -20.23 -7.36
CA ASP A 104 -4.52 -21.22 -7.04
C ASP A 104 -3.11 -20.63 -7.12
N HIS A 105 -2.90 -19.71 -8.06
CA HIS A 105 -1.55 -19.22 -8.37
C HIS A 105 -1.55 -17.74 -8.81
N LEU A 106 -0.98 -16.87 -7.97
CA LEU A 106 -0.72 -15.47 -8.33
C LEU A 106 0.77 -15.29 -8.62
N VAL A 107 1.09 -14.59 -9.71
CA VAL A 107 2.47 -14.15 -9.97
C VAL A 107 2.46 -12.63 -10.02
N ILE A 108 3.30 -12.00 -9.19
CA ILE A 108 3.35 -10.53 -9.14
C ILE A 108 4.67 -10.04 -9.74
N ALA A 109 4.58 -9.29 -10.85
CA ALA A 109 5.74 -8.75 -11.58
C ALA A 109 6.02 -7.32 -11.17
N CYS A 110 7.11 -7.10 -10.43
CA CYS A 110 7.44 -5.78 -9.89
C CYS A 110 8.34 -4.95 -10.82
N GLY A 111 7.82 -3.83 -11.32
CA GLY A 111 8.63 -2.94 -12.14
C GLY A 111 9.46 -1.94 -11.35
N ARG A 112 10.48 -1.41 -12.02
CA ARG A 112 11.31 -0.29 -11.55
C ARG A 112 11.55 0.60 -12.77
N TYR A 113 12.34 1.66 -12.59
CA TYR A 113 12.53 2.68 -13.65
C TYR A 113 11.16 3.20 -14.10
N GLU A 114 10.95 3.36 -15.41
CA GLU A 114 9.67 3.88 -15.90
C GLU A 114 8.60 2.80 -16.09
N GLY A 115 8.95 1.53 -15.87
CA GLY A 115 8.02 0.42 -16.06
C GLY A 115 8.56 -0.65 -17.00
N ILE A 116 7.69 -1.60 -17.34
CA ILE A 116 8.07 -2.78 -18.16
C ILE A 116 7.58 -2.59 -19.61
N ASP A 117 8.43 -2.91 -20.59
CA ASP A 117 8.02 -2.88 -22.01
C ASP A 117 6.61 -3.50 -22.15
N GLN A 118 5.68 -2.77 -22.79
CA GLN A 118 4.27 -3.19 -22.80
C GLN A 118 4.04 -4.52 -23.50
N ARG A 119 4.95 -4.93 -24.38
CA ARG A 119 4.77 -6.23 -25.06
C ARG A 119 4.84 -7.42 -24.11
N VAL A 120 5.46 -7.27 -22.93
CA VAL A 120 5.51 -8.37 -21.97
C VAL A 120 4.11 -8.76 -21.48
N ALA A 121 3.34 -7.78 -21.01
CA ALA A 121 1.97 -8.03 -20.58
C ALA A 121 1.07 -8.42 -21.76
N ASP A 122 1.26 -7.77 -22.90
CA ASP A 122 0.41 -8.07 -24.06
C ASP A 122 0.63 -9.50 -24.56
N ASP A 123 1.89 -9.96 -24.60
CA ASP A 123 2.17 -11.34 -24.94
C ASP A 123 1.58 -12.31 -23.89
N ALA A 124 1.82 -12.04 -22.60
CA ALA A 124 1.30 -12.93 -21.57
C ALA A 124 -0.24 -13.07 -21.65
N ALA A 125 -0.92 -11.98 -21.98
CA ALA A 125 -2.38 -11.97 -22.05
C ALA A 125 -2.95 -12.85 -23.16
N THR A 126 -2.12 -13.33 -24.08
CA THR A 126 -2.60 -14.25 -25.12
C THR A 126 -2.66 -15.70 -24.62
N ARG A 127 -2.13 -15.96 -23.42
CA ARG A 127 -2.19 -17.33 -22.90
C ARG A 127 -2.49 -17.49 -21.41
N MET A 128 -2.71 -16.37 -20.71
CA MET A 128 -3.12 -16.40 -19.31
C MET A 128 -3.90 -15.10 -18.98
N ARG A 129 -4.53 -15.07 -17.81
CA ARG A 129 -5.23 -13.87 -17.34
C ARG A 129 -4.23 -12.86 -16.75
N VAL A 130 -4.28 -11.62 -17.22
CA VAL A 130 -3.36 -10.56 -16.78
C VAL A 130 -4.13 -9.37 -16.19
N ARG A 131 -3.65 -8.84 -15.06
CA ARG A 131 -4.29 -7.70 -14.40
C ARG A 131 -3.30 -6.57 -14.05
N GLU A 132 -3.40 -5.44 -14.74
CA GLU A 132 -2.62 -4.25 -14.38
C GLU A 132 -3.41 -3.42 -13.36
N VAL A 133 -2.81 -3.17 -12.19
CA VAL A 133 -3.54 -2.49 -11.09
C VAL A 133 -2.70 -1.46 -10.35
N SER A 134 -3.37 -0.44 -9.81
CA SER A 134 -2.78 0.55 -8.91
CA SER A 134 -2.76 0.53 -8.91
C SER A 134 -3.35 0.42 -7.51
N ILE A 135 -2.52 0.60 -6.49
CA ILE A 135 -3.02 0.52 -5.10
C ILE A 135 -3.44 1.90 -4.54
N GLY A 136 -3.29 2.97 -5.31
CA GLY A 136 -3.74 4.29 -4.87
C GLY A 136 -3.20 5.40 -5.74
N ASP A 137 -3.74 6.61 -5.58
CA ASP A 137 -3.37 7.73 -6.47
C ASP A 137 -2.15 8.52 -5.97
N TYR A 138 -1.02 7.83 -6.00
CA TYR A 138 0.29 8.37 -5.66
C TYR A 138 1.31 7.58 -6.49
N VAL A 139 2.50 8.13 -6.62
CA VAL A 139 3.54 7.47 -7.41
C VAL A 139 4.63 6.89 -6.51
N LEU A 140 4.86 5.59 -6.63
CA LEU A 140 5.98 4.92 -5.96
C LEU A 140 7.24 4.89 -6.84
N ASN A 141 8.36 4.41 -6.29
CA ASN A 141 9.57 4.17 -7.11
C ASN A 141 9.50 2.86 -7.91
N GLY A 142 8.74 1.90 -7.42
CA GLY A 142 8.62 0.62 -8.09
C GLY A 142 7.46 -0.18 -7.51
N GLY A 143 7.27 -1.38 -8.02
CA GLY A 143 6.13 -2.21 -7.65
C GLY A 143 6.19 -2.97 -6.32
N GLU A 144 7.35 -2.97 -5.66
CA GLU A 144 7.54 -3.81 -4.47
C GLU A 144 6.60 -3.47 -3.30
N ALA A 145 6.45 -2.18 -2.96
CA ALA A 145 5.54 -1.81 -1.87
C ALA A 145 4.08 -2.15 -2.23
N ALA A 146 3.73 -2.05 -3.52
CA ALA A 146 2.39 -2.45 -3.97
C ALA A 146 2.18 -3.96 -3.80
N ALA A 147 3.21 -4.75 -4.11
CA ALA A 147 3.13 -6.20 -3.92
C ALA A 147 2.90 -6.56 -2.45
N LEU A 148 3.58 -5.87 -1.53
CA LEU A 148 3.39 -6.09 -0.08
CA LEU A 148 3.39 -6.10 -0.09
C LEU A 148 1.94 -5.84 0.33
N VAL A 149 1.38 -4.75 -0.15
CA VAL A 149 -0.02 -4.39 0.16
C VAL A 149 -1.01 -5.43 -0.41
N ILE A 150 -0.83 -5.81 -1.67
CA ILE A 150 -1.68 -6.81 -2.29
C ILE A 150 -1.60 -8.16 -1.57
N ILE A 151 -0.39 -8.61 -1.23
CA ILE A 151 -0.24 -9.89 -0.52
C ILE A 151 -0.96 -9.88 0.83
N GLU A 152 -0.80 -8.79 1.58
CA GLU A 152 -1.45 -8.70 2.89
C GLU A 152 -2.98 -8.70 2.75
N ALA A 153 -3.50 -7.87 1.84
CA ALA A 153 -4.95 -7.72 1.69
C ALA A 153 -5.62 -9.01 1.20
N VAL A 154 -4.95 -9.73 0.31
CA VAL A 154 -5.48 -10.98 -0.21
C VAL A 154 -5.37 -12.11 0.81
N LEU A 155 -4.20 -12.27 1.44
CA LEU A 155 -4.00 -13.43 2.29
C LEU A 155 -4.81 -13.38 3.58
N ARG A 156 -5.19 -12.19 4.05
CA ARG A 156 -6.00 -12.17 5.26
C ARG A 156 -7.43 -12.68 4.96
N LEU A 157 -7.78 -12.83 3.69
CA LEU A 157 -9.08 -13.38 3.30
C LEU A 157 -9.06 -14.89 3.01
N VAL A 158 -7.87 -15.48 3.05
CA VAL A 158 -7.73 -16.94 2.93
C VAL A 158 -7.81 -17.57 4.33
N PRO A 159 -8.76 -18.50 4.52
CA PRO A 159 -9.02 -19.13 5.81
C PRO A 159 -7.76 -19.65 6.51
N GLY A 160 -7.43 -19.07 7.67
CA GLY A 160 -6.35 -19.54 8.51
C GLY A 160 -4.94 -19.13 8.12
N VAL A 161 -4.81 -18.07 7.32
CA VAL A 161 -3.48 -17.62 6.92
C VAL A 161 -3.06 -16.38 7.73
N LEU A 162 -3.63 -15.23 7.46
CA LEU A 162 -3.29 -14.01 8.22
C LEU A 162 -4.39 -13.62 9.20
N SER A 179 -20.91 2.42 1.14
CA SER A 179 -20.39 1.94 2.42
C SER A 179 -20.12 3.12 3.35
N LEU A 180 -19.91 2.82 4.62
CA LEU A 180 -19.63 3.84 5.63
C LEU A 180 -18.32 3.53 6.36
N LEU A 181 -17.64 4.57 6.83
CA LEU A 181 -16.41 4.40 7.61
C LEU A 181 -16.69 3.95 9.05
N GLU A 182 -15.77 3.19 9.63
CA GLU A 182 -15.89 2.85 11.04
C GLU A 182 -15.61 4.07 11.93
N GLY A 183 -16.37 4.21 13.00
CA GLY A 183 -16.20 5.31 13.94
C GLY A 183 -15.14 5.02 14.99
N PRO A 184 -15.03 5.90 16.00
CA PRO A 184 -13.97 5.76 17.02
C PRO A 184 -14.15 4.56 17.94
N SER A 185 -13.02 4.00 18.41
CA SER A 185 -13.01 2.87 19.34
CA SER A 185 -13.04 2.89 19.36
C SER A 185 -12.30 3.25 20.65
N TYR A 186 -12.68 2.59 21.75
CA TYR A 186 -12.14 2.89 23.08
C TYR A 186 -11.92 1.63 23.92
N THR A 187 -10.92 1.67 24.81
CA THR A 187 -10.75 0.61 25.80
C THR A 187 -10.25 1.22 27.12
N ARG A 188 -9.86 0.38 28.07
CA ARG A 188 -9.38 0.83 29.39
CA ARG A 188 -9.42 0.87 29.38
C ARG A 188 -8.15 1.72 29.31
N PRO A 189 -8.03 2.71 30.21
CA PRO A 189 -8.93 3.08 31.32
C PRO A 189 -10.09 4.00 30.93
N PRO A 190 -11.16 4.05 31.74
CA PRO A 190 -12.34 4.85 31.39
C PRO A 190 -12.08 6.35 31.35
N SER A 191 -11.07 6.81 32.08
CA SER A 191 -10.65 8.21 32.02
CA SER A 191 -10.65 8.22 32.04
C SER A 191 -9.15 8.28 31.83
N TRP A 192 -8.70 9.11 30.88
CA TRP A 192 -7.28 9.21 30.55
C TRP A 192 -6.94 10.61 30.05
N ARG A 193 -5.99 11.27 30.72
CA ARG A 193 -5.55 12.62 30.36
C ARG A 193 -6.73 13.58 30.16
N GLY A 194 -7.73 13.47 31.04
CA GLY A 194 -8.85 14.38 31.05
C GLY A 194 -9.96 14.03 30.07
N MET A 195 -9.80 12.89 29.39
CA MET A 195 -10.78 12.45 28.41
C MET A 195 -11.50 11.18 28.84
N ASP A 196 -12.82 11.26 28.98
CA ASP A 196 -13.63 10.11 29.37
C ASP A 196 -14.15 9.34 28.15
N VAL A 197 -14.23 8.02 28.27
CA VAL A 197 -14.92 7.23 27.25
C VAL A 197 -16.40 7.67 27.20
N PRO A 198 -16.98 7.81 25.99
CA PRO A 198 -18.40 8.20 25.90
C PRO A 198 -19.31 7.31 26.77
N PRO A 199 -20.05 7.93 27.71
CA PRO A 199 -20.86 7.17 28.68
C PRO A 199 -21.83 6.18 28.06
N VAL A 200 -22.35 6.47 26.86
CA VAL A 200 -23.29 5.55 26.23
C VAL A 200 -22.69 4.14 26.08
N LEU A 201 -21.38 4.04 25.87
CA LEU A 201 -20.74 2.74 25.67
C LEU A 201 -20.73 1.89 26.96
N LEU A 202 -20.90 2.54 28.11
CA LEU A 202 -20.90 1.80 29.38
C LEU A 202 -22.33 1.62 29.93
N SER A 203 -23.33 1.97 29.13
CA SER A 203 -24.74 2.03 29.57
C SER A 203 -25.50 0.69 29.64
N GLY A 204 -25.02 -0.32 28.92
CA GLY A 204 -25.77 -1.57 28.83
C GLY A 204 -27.04 -1.51 28.00
N ASP A 205 -27.23 -0.43 27.25
CA ASP A 205 -28.36 -0.29 26.33
C ASP A 205 -27.85 -0.56 24.92
N HIS A 206 -27.94 -1.81 24.47
CA HIS A 206 -27.18 -2.15 23.26
C HIS A 206 -27.84 -1.67 21.96
N ALA A 207 -29.15 -1.42 21.98
CA ALA A 207 -29.80 -0.78 20.82
C ALA A 207 -29.33 0.68 20.70
N LYS A 208 -29.24 1.37 21.83
CA LYS A 208 -28.76 2.76 21.83
C LYS A 208 -27.29 2.88 21.42
N ILE A 209 -26.46 1.96 21.91
CA ILE A 209 -25.07 1.89 21.49
C ILE A 209 -24.94 1.72 19.97
N ALA A 210 -25.72 0.81 19.39
CA ALA A 210 -25.66 0.61 17.94
C ALA A 210 -26.07 1.87 17.17
N ALA A 211 -27.08 2.59 17.66
CA ALA A 211 -27.52 3.83 17.01
C ALA A 211 -26.46 4.93 17.13
N TRP A 212 -25.78 4.99 18.28
CA TRP A 212 -24.72 5.98 18.49
C TRP A 212 -23.56 5.71 17.52
N ARG A 213 -23.19 4.45 17.38
CA ARG A 213 -22.11 4.07 16.46
C ARG A 213 -22.49 4.40 15.00
N ALA A 214 -23.76 4.16 14.63
CA ALA A 214 -24.21 4.48 13.28
C ALA A 214 -24.08 5.98 12.98
N GLU A 215 -24.45 6.82 13.93
CA GLU A 215 -24.36 8.25 13.75
C GLU A 215 -22.89 8.73 13.69
N GLN A 216 -22.02 8.13 14.51
CA GLN A 216 -20.58 8.44 14.46
C GLN A 216 -20.02 8.11 13.08
N SER A 217 -20.43 6.97 12.54
CA SER A 217 -20.02 6.54 11.21
CA SER A 217 -19.99 6.56 11.21
C SER A 217 -20.47 7.52 10.12
N ARG A 218 -21.73 7.96 10.23
CA ARG A 218 -22.27 8.93 9.27
C ARG A 218 -21.48 10.23 9.27
N GLN A 219 -21.25 10.79 10.45
CA GLN A 219 -20.53 12.05 10.59
C GLN A 219 -19.10 11.94 10.05
N ARG A 220 -18.42 10.84 10.37
CA ARG A 220 -17.03 10.68 9.95
C ARG A 220 -16.94 10.52 8.43
N THR A 221 -17.91 9.82 7.85
CA THR A 221 -17.91 9.62 6.40
C THR A 221 -18.15 10.95 5.66
N ILE A 222 -19.09 11.76 6.15
CA ILE A 222 -19.34 13.09 5.58
C ILE A 222 -18.08 13.97 5.63
N GLU A 223 -17.37 13.93 6.76
CA GLU A 223 -16.20 14.79 6.95
C GLU A 223 -14.98 14.33 6.14
N ARG A 224 -14.72 13.02 6.13
CA ARG A 224 -13.48 12.50 5.56
C ARG A 224 -13.60 11.90 4.16
N ARG A 225 -14.78 11.38 3.83
CA ARG A 225 -14.97 10.68 2.55
C ARG A 225 -16.32 10.99 1.90
N PRO A 226 -16.56 12.26 1.54
CA PRO A 226 -17.85 12.59 0.93
C PRO A 226 -18.11 11.86 -0.40
N ASP A 227 -17.07 11.32 -1.02
CA ASP A 227 -17.21 10.55 -2.25
C ASP A 227 -18.01 9.26 -2.05
N LEU A 228 -18.03 8.75 -0.82
CA LEU A 228 -18.73 7.51 -0.51
C LEU A 228 -20.24 7.72 -0.34
N LEU A 229 -20.68 8.96 -0.46
CA LEU A 229 -22.09 9.29 -0.30
C LEU A 229 -22.66 9.87 -1.60
N SER B 2 16.19 18.59 4.92
CA SER B 2 16.47 17.59 5.95
C SER B 2 15.18 17.12 6.62
N MET B 3 14.94 15.81 6.59
CA MET B 3 13.76 15.24 7.23
C MET B 3 14.12 14.09 8.18
N LYS B 4 13.47 14.07 9.34
CA LYS B 4 13.52 12.92 10.24
C LYS B 4 12.19 12.20 10.23
N ILE B 5 12.21 10.87 10.09
CA ILE B 5 11.00 10.07 10.19
C ILE B 5 11.16 9.02 11.30
N ASP B 6 10.23 9.03 12.26
CA ASP B 6 10.18 8.00 13.30
C ASP B 6 8.94 7.12 13.11
N VAL B 7 9.12 5.80 13.14
CA VAL B 7 8.01 4.86 13.00
C VAL B 7 7.86 4.05 14.28
N VAL B 8 6.64 3.99 14.82
CA VAL B 8 6.39 3.26 16.07
C VAL B 8 5.46 2.08 15.80
N THR B 9 5.85 0.88 16.26
CA THR B 9 5.20 -0.37 15.87
C THR B 9 5.49 -1.49 16.87
N ILE B 10 4.59 -2.47 17.00
CA ILE B 10 4.94 -3.67 17.78
C ILE B 10 5.65 -4.74 16.94
N PHE B 11 5.84 -4.47 15.64
CA PHE B 11 6.64 -5.33 14.77
C PHE B 11 7.76 -4.59 14.04
N PRO B 12 8.80 -4.12 14.76
CA PRO B 12 9.91 -3.40 14.13
C PRO B 12 10.55 -4.13 12.94
N GLU B 13 10.58 -5.46 12.95
CA GLU B 13 11.19 -6.23 11.86
C GLU B 13 10.52 -5.99 10.51
N TYR B 14 9.22 -5.71 10.54
CA TYR B 14 8.47 -5.51 9.30
C TYR B 14 8.85 -4.22 8.56
N LEU B 15 9.62 -3.34 9.20
CA LEU B 15 10.01 -2.07 8.58
C LEU B 15 11.40 -2.13 7.97
N GLN B 16 12.08 -3.27 8.10
CA GLN B 16 13.38 -3.49 7.46
C GLN B 16 13.48 -3.09 5.98
N PRO B 17 12.40 -3.28 5.18
CA PRO B 17 12.55 -2.87 3.77
C PRO B 17 12.80 -1.38 3.54
N VAL B 18 12.74 -0.54 4.57
CA VAL B 18 13.05 0.89 4.40
C VAL B 18 14.49 1.11 3.99
N ARG B 19 15.35 0.12 4.22
CA ARG B 19 16.77 0.28 3.97
C ARG B 19 17.09 0.39 2.48
N GLN B 20 16.40 1.31 1.82
CA GLN B 20 16.56 1.63 0.41
C GLN B 20 17.33 2.95 0.36
N SER B 21 17.83 3.32 1.53
CA SER B 21 18.44 4.62 1.82
C SER B 21 17.38 5.70 1.79
N GLY B 30 22.16 11.14 3.24
CA GLY B 30 22.22 11.84 4.51
C GLY B 30 21.24 13.00 4.62
N LEU B 31 20.35 13.11 3.64
CA LEU B 31 19.36 14.19 3.63
C LEU B 31 18.12 13.81 4.43
N VAL B 32 17.98 12.52 4.70
CA VAL B 32 16.84 12.02 5.48
C VAL B 32 17.30 10.90 6.42
N ASP B 33 16.74 10.86 7.61
CA ASP B 33 17.00 9.79 8.57
C ASP B 33 15.68 9.12 8.95
N VAL B 34 15.70 7.79 9.02
CA VAL B 34 14.52 7.02 9.43
C VAL B 34 14.88 6.12 10.62
N ALA B 35 14.09 6.20 11.69
CA ALA B 35 14.29 5.35 12.85
C ALA B 35 13.01 4.60 13.21
N VAL B 36 13.17 3.35 13.62
CA VAL B 36 12.05 2.47 13.97
C VAL B 36 12.08 2.11 15.45
N HIS B 37 10.94 2.23 16.12
CA HIS B 37 10.84 1.98 17.57
C HIS B 37 9.80 0.91 17.92
N ASP B 38 10.18 0.01 18.82
CA ASP B 38 9.29 -1.00 19.40
C ASP B 38 8.39 -0.39 20.48
N LEU B 39 7.08 -0.36 20.23
CA LEU B 39 6.12 0.21 21.18
C LEU B 39 6.22 -0.40 22.57
N ARG B 40 6.56 -1.69 22.64
CA ARG B 40 6.57 -2.40 23.92
C ARG B 40 7.63 -1.91 24.89
N ARG B 41 8.56 -1.09 24.41
CA ARG B 41 9.58 -0.53 25.29
C ARG B 41 8.99 0.48 26.27
N TRP B 42 7.77 0.94 26.00
CA TRP B 42 7.15 1.91 26.89
C TRP B 42 6.11 1.27 27.83
N THR B 43 6.08 -0.06 27.90
CA THR B 43 5.23 -0.76 28.86
C THR B 43 5.95 -0.95 30.20
N HIS B 44 5.21 -1.13 31.29
CA HIS B 44 5.85 -1.36 32.58
C HIS B 44 5.50 -2.69 33.25
N ASP B 45 4.60 -3.46 32.67
CA ASP B 45 4.24 -4.72 33.29
C ASP B 45 5.03 -5.89 32.70
N VAL B 46 4.92 -7.04 33.36
CA VAL B 46 5.72 -8.21 32.99
C VAL B 46 5.25 -8.86 31.68
N HIS B 47 3.95 -8.83 31.44
CA HIS B 47 3.39 -9.43 30.23
C HIS B 47 3.45 -8.49 29.04
N LYS B 48 3.79 -7.22 29.31
CA LYS B 48 3.92 -6.19 28.28
C LYS B 48 2.65 -6.07 27.41
N SER B 49 1.51 -5.95 28.05
CA SER B 49 0.23 -5.92 27.34
C SER B 49 -0.05 -4.57 26.71
N VAL B 50 -0.45 -4.56 25.44
CA VAL B 50 -0.76 -3.31 24.79
C VAL B 50 -2.21 -3.20 24.31
N ASP B 51 -3.02 -4.21 24.59
CA ASP B 51 -4.40 -4.27 24.06
C ASP B 51 -5.45 -4.75 25.09
N ASP B 52 -6.72 -4.37 24.89
CA ASP B 52 -7.83 -4.92 25.69
C ASP B 52 -9.15 -4.86 24.89
N SER B 53 -10.20 -5.46 25.42
CA SER B 53 -11.51 -5.53 24.74
CA SER B 53 -11.49 -5.53 24.74
C SER B 53 -12.15 -4.15 24.60
N PRO B 54 -12.95 -3.96 23.54
CA PRO B 54 -13.55 -2.63 23.33
C PRO B 54 -14.71 -2.28 24.27
N TYR B 55 -14.73 -1.05 24.76
CA TYR B 55 -15.91 -0.60 25.48
C TYR B 55 -17.08 -0.58 24.50
N GLY B 56 -18.25 -1.02 24.97
CA GLY B 56 -19.44 -1.03 24.14
C GLY B 56 -19.64 -2.29 23.32
N GLY B 57 -18.66 -3.19 23.39
CA GLY B 57 -18.75 -4.44 22.65
C GLY B 57 -18.15 -4.42 21.26
N GLY B 58 -18.12 -5.59 20.63
CA GLY B 58 -17.58 -5.73 19.31
C GLY B 58 -16.48 -6.77 19.27
N PRO B 59 -16.06 -7.16 18.06
CA PRO B 59 -15.04 -8.20 17.90
C PRO B 59 -13.64 -7.66 18.15
N GLY B 60 -12.73 -8.55 18.55
CA GLY B 60 -11.32 -8.18 18.60
C GLY B 60 -10.89 -7.33 19.78
N MET B 61 -9.74 -6.70 19.63
CA MET B 61 -9.13 -5.90 20.69
C MET B 61 -8.75 -4.52 20.19
N VAL B 62 -8.58 -3.58 21.12
CA VAL B 62 -8.19 -2.21 20.83
C VAL B 62 -6.86 -1.90 21.55
N MET B 63 -5.97 -1.15 20.90
CA MET B 63 -4.71 -0.80 21.57
C MET B 63 -4.96 0.27 22.65
N LYS B 64 -4.45 0.02 23.86
CA LYS B 64 -4.62 0.92 24.99
C LYS B 64 -3.94 2.29 24.79
N PRO B 65 -4.55 3.37 25.30
CA PRO B 65 -3.94 4.69 25.08
C PRO B 65 -2.70 4.96 25.94
N THR B 66 -2.59 4.32 27.09
CA THR B 66 -1.52 4.62 28.04
C THR B 66 -0.13 4.44 27.44
N VAL B 67 0.12 3.29 26.81
CA VAL B 67 1.43 2.99 26.25
C VAL B 67 1.77 3.94 25.10
N TRP B 68 0.78 4.20 24.24
CA TRP B 68 0.96 5.14 23.14
C TRP B 68 1.29 6.56 23.62
N GLY B 69 0.59 7.02 24.67
CA GLY B 69 0.84 8.33 25.24
C GLY B 69 2.27 8.51 25.70
N ASP B 70 2.81 7.50 26.38
CA ASP B 70 4.18 7.58 26.89
C ASP B 70 5.21 7.58 25.75
N ALA B 71 4.97 6.75 24.73
CA ALA B 71 5.86 6.70 23.57
C ALA B 71 5.90 8.03 22.82
N LEU B 72 4.71 8.58 22.53
CA LEU B 72 4.65 9.82 21.75
C LEU B 72 5.13 11.05 22.56
N ASP B 73 4.95 11.04 23.89
CA ASP B 73 5.52 12.08 24.75
C ASP B 73 7.03 12.22 24.53
N GLU B 74 7.71 11.09 24.41
CA GLU B 74 9.17 11.07 24.27
C GLU B 74 9.64 11.41 22.85
N ILE B 75 8.89 10.95 21.85
CA ILE B 75 9.32 11.04 20.46
C ILE B 75 8.91 12.35 19.77
N CYS B 76 7.73 12.86 20.12
CA CYS B 76 7.17 14.01 19.43
C CYS B 76 7.49 15.36 20.09
N THR B 77 7.52 16.41 19.27
CA THR B 77 7.51 17.78 19.76
C THR B 77 6.32 18.53 19.15
N SER B 78 6.20 19.82 19.47
CA SER B 78 5.10 20.63 18.97
C SER B 78 5.16 20.84 17.46
N GLU B 79 6.34 20.64 16.86
CA GLU B 79 6.48 20.79 15.41
C GLU B 79 6.27 19.50 14.61
N THR B 80 6.09 18.38 15.30
CA THR B 80 5.87 17.09 14.67
C THR B 80 4.57 17.02 13.90
N LEU B 81 4.59 16.38 12.73
CA LEU B 81 3.36 15.95 12.08
C LEU B 81 3.13 14.47 12.40
N LEU B 82 2.11 14.18 13.20
CA LEU B 82 1.77 12.80 13.57
C LEU B 82 0.86 12.18 12.53
N VAL B 83 1.32 11.09 11.90
CA VAL B 83 0.58 10.39 10.85
C VAL B 83 0.06 9.05 11.39
N VAL B 84 -1.24 8.82 11.27
CA VAL B 84 -1.86 7.57 11.77
C VAL B 84 -2.63 6.84 10.65
N PRO B 85 -2.01 5.82 10.02
CA PRO B 85 -2.73 5.08 8.98
C PRO B 85 -3.93 4.30 9.52
N THR B 86 -5.08 4.42 8.85
CA THR B 86 -6.31 3.72 9.25
C THR B 86 -7.26 3.65 8.06
N PRO B 87 -8.04 2.55 7.92
CA PRO B 87 -9.03 2.50 6.84
C PRO B 87 -10.06 3.63 6.89
N ALA B 88 -10.25 4.24 8.06
CA ALA B 88 -11.23 5.30 8.24
C ALA B 88 -10.62 6.70 8.08
N GLY B 89 -9.41 6.79 7.52
CA GLY B 89 -8.75 8.07 7.39
C GLY B 89 -9.15 8.93 6.18
N TYR B 90 -8.67 10.17 6.15
CA TYR B 90 -8.73 10.98 4.93
C TYR B 90 -7.83 10.31 3.87
N PRO B 91 -8.16 10.44 2.56
CA PRO B 91 -7.28 9.80 1.57
C PRO B 91 -5.86 10.36 1.50
N PHE B 92 -4.86 9.48 1.49
CA PHE B 92 -3.48 9.85 1.17
C PHE B 92 -3.29 9.79 -0.35
N THR B 93 -2.96 10.94 -0.95
CA THR B 93 -2.80 11.06 -2.42
C THR B 93 -1.47 11.72 -2.77
N GLN B 94 -1.18 11.83 -4.07
CA GLN B 94 0.04 12.53 -4.50
C GLN B 94 0.11 13.98 -3.97
N GLU B 95 -1.03 14.65 -3.87
CA GLU B 95 -1.08 15.98 -3.27
C GLU B 95 -0.58 15.95 -1.82
N THR B 96 -1.02 14.95 -1.07
CA THR B 96 -0.57 14.77 0.32
C THR B 96 0.94 14.57 0.37
N ALA B 97 1.46 13.76 -0.56
CA ALA B 97 2.89 13.49 -0.59
C ALA B 97 3.69 14.78 -0.84
N TRP B 98 3.24 15.62 -1.79
CA TRP B 98 3.89 16.92 -2.01
C TRP B 98 3.84 17.78 -0.74
N GLN B 99 2.69 17.78 -0.05
CA GLN B 99 2.55 18.60 1.14
C GLN B 99 3.52 18.16 2.23
N TRP B 100 3.68 16.85 2.43
CA TRP B 100 4.48 16.35 3.53
C TRP B 100 5.98 16.38 3.21
N SER B 101 6.33 16.54 1.92
CA SER B 101 7.73 16.48 1.49
C SER B 101 8.61 17.59 2.08
N THR B 102 8.02 18.66 2.58
CA THR B 102 8.80 19.76 3.15
C THR B 102 8.72 19.85 4.67
N GLU B 103 8.20 18.79 5.31
CA GLU B 103 8.14 18.71 6.78
C GLU B 103 9.51 18.38 7.37
N ASP B 104 9.78 18.91 8.56
CA ASP B 104 11.01 18.60 9.27
C ASP B 104 10.94 17.24 9.97
N HIS B 105 9.75 16.85 10.44
CA HIS B 105 9.61 15.68 11.31
C HIS B 105 8.26 14.98 11.17
N LEU B 106 8.28 13.76 10.62
CA LEU B 106 7.10 12.89 10.57
C LEU B 106 7.21 11.79 11.61
N VAL B 107 6.13 11.54 12.35
CA VAL B 107 6.08 10.37 13.22
C VAL B 107 4.89 9.52 12.76
N ILE B 108 5.14 8.26 12.43
CA ILE B 108 4.08 7.37 11.92
C ILE B 108 3.72 6.31 12.96
N ALA B 109 2.49 6.36 13.46
CA ALA B 109 2.01 5.43 14.50
C ALA B 109 1.27 4.26 13.86
N CYS B 110 1.83 3.05 13.96
CA CYS B 110 1.27 1.88 13.30
C CYS B 110 0.35 1.06 14.20
N GLY B 111 -0.92 0.95 13.82
CA GLY B 111 -1.87 0.14 14.57
C GLY B 111 -1.83 -1.35 14.25
N ARG B 112 -2.28 -2.14 15.20
CA ARG B 112 -2.57 -3.58 15.02
C ARG B 112 -3.90 -3.87 15.72
N TYR B 113 -4.29 -5.14 15.79
CA TYR B 113 -5.60 -5.52 16.34
C TYR B 113 -6.68 -4.73 15.56
N GLU B 114 -7.70 -4.20 16.24
CA GLU B 114 -8.75 -3.44 15.55
C GLU B 114 -8.48 -1.93 15.48
N GLY B 115 -7.31 -1.51 15.91
CA GLY B 115 -6.94 -0.10 15.85
C GLY B 115 -6.52 0.45 17.19
N ILE B 116 -6.39 1.78 17.27
CA ILE B 116 -5.88 2.50 18.45
C ILE B 116 -7.01 3.32 19.11
N ASP B 117 -7.09 3.27 20.45
CA ASP B 117 -8.02 4.13 21.22
C ASP B 117 -8.02 5.57 20.69
N GLN B 118 -9.20 6.10 20.38
CA GLN B 118 -9.30 7.41 19.73
C GLN B 118 -8.67 8.55 20.54
N ARG B 119 -8.56 8.39 21.86
CA ARG B 119 -8.03 9.48 22.69
C ARG B 119 -6.53 9.73 22.47
N VAL B 120 -5.83 8.76 21.85
CA VAL B 120 -4.41 8.97 21.53
C VAL B 120 -4.25 10.13 20.54
N ALA B 121 -4.98 10.07 19.43
CA ALA B 121 -4.98 11.15 18.44
C ALA B 121 -5.55 12.44 19.03
N ASP B 122 -6.62 12.33 19.82
CA ASP B 122 -7.25 13.52 20.40
C ASP B 122 -6.29 14.28 21.33
N ASP B 123 -5.60 13.54 22.20
CA ASP B 123 -4.62 14.12 23.12
C ASP B 123 -3.46 14.75 22.35
N ALA B 124 -2.95 14.03 21.35
CA ALA B 124 -1.84 14.53 20.56
C ALA B 124 -2.17 15.85 19.87
N ALA B 125 -3.42 15.98 19.41
CA ALA B 125 -3.85 17.18 18.68
C ALA B 125 -3.86 18.45 19.52
N THR B 126 -3.83 18.29 20.85
CA THR B 126 -3.75 19.46 21.74
C THR B 126 -2.34 20.04 21.77
N ARG B 127 -1.36 19.33 21.21
CA ARG B 127 0.00 19.88 21.19
C ARG B 127 0.69 19.88 19.83
N MET B 128 0.19 19.09 18.87
CA MET B 128 0.80 19.01 17.54
C MET B 128 -0.25 18.79 16.46
N ARG B 129 0.16 18.85 15.19
CA ARG B 129 -0.73 18.54 14.07
C ARG B 129 -0.85 17.03 13.88
N VAL B 130 -2.08 16.54 13.67
CA VAL B 130 -2.35 15.11 13.52
C VAL B 130 -3.11 14.82 12.23
N ARG B 131 -2.72 13.75 11.53
CA ARG B 131 -3.38 13.37 10.27
C ARG B 131 -3.69 11.86 10.22
N GLU B 132 -4.97 11.49 10.33
CA GLU B 132 -5.40 10.11 10.12
C GLU B 132 -5.66 9.89 8.63
N VAL B 133 -4.99 8.92 8.01
CA VAL B 133 -5.08 8.74 6.55
C VAL B 133 -5.20 7.28 6.11
N SER B 134 -5.88 7.07 4.99
CA SER B 134 -5.97 5.76 4.33
CA SER B 134 -5.94 5.76 4.37
C SER B 134 -5.18 5.76 3.04
N ILE B 135 -4.43 4.69 2.77
CA ILE B 135 -3.69 4.61 1.50
C ILE B 135 -4.50 3.95 0.37
N GLY B 136 -5.71 3.48 0.67
CA GLY B 136 -6.55 2.89 -0.36
C GLY B 136 -7.69 2.09 0.24
N ASP B 137 -8.71 1.78 -0.57
CA ASP B 137 -9.91 1.14 -0.04
C ASP B 137 -9.83 -0.39 -0.03
N TYR B 138 -8.96 -0.88 0.85
CA TYR B 138 -8.75 -2.30 1.13
C TYR B 138 -8.32 -2.39 2.58
N VAL B 139 -8.37 -3.60 3.15
CA VAL B 139 -8.05 -3.78 4.56
C VAL B 139 -6.73 -4.51 4.76
N LEU B 140 -5.78 -3.85 5.44
CA LEU B 140 -4.53 -4.49 5.82
C LEU B 140 -4.70 -5.13 7.22
N ASN B 141 -3.69 -5.85 7.69
CA ASN B 141 -3.75 -6.31 9.08
C ASN B 141 -3.16 -5.29 10.05
N GLY B 142 -2.44 -4.30 9.54
CA GLY B 142 -1.89 -3.26 10.40
C GLY B 142 -1.31 -2.08 9.64
N GLY B 143 -0.80 -1.09 10.35
CA GLY B 143 -0.30 0.15 9.74
C GLY B 143 1.07 0.07 9.07
N GLU B 144 1.82 -1.01 9.29
CA GLU B 144 3.21 -1.10 8.85
C GLU B 144 3.38 -1.00 7.32
N ALA B 145 2.60 -1.75 6.54
CA ALA B 145 2.71 -1.69 5.07
C ALA B 145 2.31 -0.31 4.56
N ALA B 146 1.34 0.33 5.21
CA ALA B 146 0.95 1.70 4.87
C ALA B 146 2.08 2.69 5.15
N ALA B 147 2.80 2.50 6.26
CA ALA B 147 3.96 3.33 6.55
C ALA B 147 5.02 3.23 5.45
N LEU B 148 5.28 2.02 4.95
CA LEU B 148 6.27 1.84 3.88
C LEU B 148 5.84 2.56 2.59
N VAL B 149 4.55 2.49 2.26
CA VAL B 149 4.03 3.19 1.08
C VAL B 149 4.18 4.71 1.23
N ILE B 150 3.78 5.25 2.38
CA ILE B 150 3.85 6.69 2.64
C ILE B 150 5.31 7.18 2.60
N ILE B 151 6.23 6.45 3.23
CA ILE B 151 7.63 6.87 3.24
C ILE B 151 8.20 6.92 1.82
N GLU B 152 7.92 5.89 1.01
CA GLU B 152 8.46 5.87 -0.35
C GLU B 152 7.88 7.00 -1.20
N ALA B 153 6.57 7.24 -1.11
CA ALA B 153 5.93 8.30 -1.90
C ALA B 153 6.41 9.70 -1.53
N VAL B 154 6.69 9.92 -0.25
CA VAL B 154 7.16 11.23 0.25
C VAL B 154 8.65 11.47 -0.04
N LEU B 155 9.50 10.50 0.27
CA LEU B 155 10.95 10.71 0.17
C LEU B 155 11.41 11.01 -1.25
N ARG B 156 10.72 10.47 -2.26
CA ARG B 156 11.14 10.72 -3.64
C ARG B 156 10.84 12.17 -4.10
N LEU B 157 10.10 12.93 -3.29
CA LEU B 157 9.79 14.33 -3.60
C LEU B 157 10.61 15.35 -2.79
N VAL B 158 11.36 14.87 -1.80
CA VAL B 158 12.12 15.75 -0.91
C VAL B 158 13.18 16.51 -1.72
N PRO B 159 13.26 17.84 -1.53
CA PRO B 159 14.19 18.65 -2.30
C PRO B 159 15.61 18.13 -2.18
N GLY B 160 16.23 17.78 -3.31
CA GLY B 160 17.56 17.21 -3.30
C GLY B 160 17.58 15.70 -3.41
N VAL B 161 16.46 15.12 -3.83
CA VAL B 161 16.37 13.67 -4.00
C VAL B 161 15.86 13.31 -5.40
N SER B 179 -4.69 13.66 -13.10
CA SER B 179 -4.87 14.28 -14.41
C SER B 179 -5.07 13.24 -15.52
N LEU B 180 -3.98 12.60 -15.92
CA LEU B 180 -4.02 11.58 -16.97
C LEU B 180 -3.11 10.43 -16.57
N LEU B 181 -3.46 9.22 -17.00
CA LEU B 181 -2.59 8.06 -16.77
C LEU B 181 -1.49 8.04 -17.80
N GLU B 182 -0.31 7.56 -17.39
CA GLU B 182 0.80 7.38 -18.31
C GLU B 182 0.48 6.29 -19.33
N GLY B 183 0.97 6.48 -20.54
CA GLY B 183 0.79 5.49 -21.58
C GLY B 183 1.87 4.42 -21.53
N PRO B 184 1.85 3.52 -22.52
CA PRO B 184 2.82 2.42 -22.57
C PRO B 184 4.23 2.86 -22.93
N SER B 185 5.22 2.07 -22.50
CA SER B 185 6.63 2.31 -22.80
CA SER B 185 6.61 2.33 -22.85
C SER B 185 7.23 1.12 -23.55
N TYR B 186 8.29 1.37 -24.32
CA TYR B 186 8.94 0.34 -25.13
C TYR B 186 10.46 0.52 -25.20
N THR B 187 11.19 -0.58 -25.34
CA THR B 187 12.63 -0.49 -25.62
C THR B 187 13.06 -1.64 -26.56
N ARG B 188 14.37 -1.82 -26.76
CA ARG B 188 14.89 -2.75 -27.78
C ARG B 188 14.65 -4.24 -27.43
N PRO B 189 14.47 -5.11 -28.43
CA PRO B 189 14.51 -4.90 -29.89
C PRO B 189 13.19 -4.37 -30.48
N PRO B 190 13.22 -3.80 -31.69
CA PRO B 190 12.01 -3.17 -32.23
C PRO B 190 10.95 -4.20 -32.65
N SER B 191 11.35 -5.45 -32.87
CA SER B 191 10.42 -6.56 -33.06
C SER B 191 10.79 -7.68 -32.08
N TRP B 192 9.81 -8.17 -31.32
CA TRP B 192 10.01 -9.21 -30.31
C TRP B 192 8.83 -10.19 -30.29
N ARG B 193 9.10 -11.49 -30.49
CA ARG B 193 8.06 -12.52 -30.58
C ARG B 193 6.98 -12.16 -31.61
N GLY B 194 7.38 -11.45 -32.67
CA GLY B 194 6.43 -11.05 -33.70
C GLY B 194 5.55 -9.86 -33.34
N MET B 195 5.90 -9.17 -32.26
CA MET B 195 5.21 -7.96 -31.83
CA MET B 195 5.20 -7.96 -31.82
C MET B 195 6.09 -6.72 -32.05
N ASP B 196 5.55 -5.75 -32.78
CA ASP B 196 6.32 -4.53 -33.11
C ASP B 196 6.12 -3.38 -32.11
N VAL B 197 7.21 -2.67 -31.84
CA VAL B 197 7.11 -1.36 -31.24
C VAL B 197 6.33 -0.46 -32.22
N PRO B 198 5.35 0.31 -31.70
CA PRO B 198 4.60 1.23 -32.57
C PRO B 198 5.53 2.05 -33.47
N PRO B 199 5.34 1.96 -34.79
CA PRO B 199 6.28 2.58 -35.74
C PRO B 199 6.50 4.08 -35.55
N VAL B 200 5.50 4.81 -35.04
CA VAL B 200 5.67 6.24 -34.83
C VAL B 200 6.83 6.53 -33.87
N LEU B 201 7.06 5.62 -32.91
CA LEU B 201 8.09 5.82 -31.90
C LEU B 201 9.50 5.68 -32.47
N LEU B 202 9.61 5.11 -33.68
CA LEU B 202 10.89 4.96 -34.36
C LEU B 202 11.12 6.06 -35.40
N SER B 203 10.12 6.89 -35.62
CA SER B 203 10.11 7.85 -36.73
C SER B 203 10.99 9.08 -36.51
N GLY B 204 11.24 9.42 -35.24
CA GLY B 204 11.97 10.63 -34.93
C GLY B 204 11.17 11.91 -35.08
N ASP B 205 9.86 11.78 -35.28
CA ASP B 205 8.97 12.94 -35.41
C ASP B 205 8.36 13.31 -34.06
N HIS B 206 8.93 14.31 -33.41
CA HIS B 206 8.53 14.70 -32.06
C HIS B 206 7.05 15.04 -31.93
N ALA B 207 6.53 15.80 -32.90
CA ALA B 207 5.13 16.19 -32.88
C ALA B 207 4.21 14.98 -32.97
N LYS B 208 4.49 14.08 -33.90
CA LYS B 208 3.67 12.88 -34.07
C LYS B 208 3.76 11.96 -32.84
N ILE B 209 4.97 11.85 -32.27
CA ILE B 209 5.17 11.03 -31.08
C ILE B 209 4.40 11.59 -29.89
N ALA B 210 4.46 12.90 -29.72
CA ALA B 210 3.72 13.54 -28.62
C ALA B 210 2.21 13.33 -28.78
N ALA B 211 1.71 13.44 -30.00
CA ALA B 211 0.28 13.25 -30.27
C ALA B 211 -0.16 11.81 -30.00
N TRP B 212 0.64 10.84 -30.44
CA TRP B 212 0.30 9.44 -30.23
C TRP B 212 0.28 9.11 -28.75
N ARG B 213 1.26 9.62 -28.01
CA ARG B 213 1.35 9.38 -26.58
C ARG B 213 0.15 9.99 -25.84
N ALA B 214 -0.33 11.14 -26.30
CA ALA B 214 -1.50 11.78 -25.70
C ALA B 214 -2.77 10.96 -25.94
N GLU B 215 -2.90 10.43 -27.15
CA GLU B 215 -4.04 9.59 -27.49
C GLU B 215 -4.03 8.27 -26.72
N GLN B 216 -2.85 7.70 -26.48
CA GLN B 216 -2.77 6.46 -25.70
C GLN B 216 -3.20 6.70 -24.25
N SER B 217 -2.73 7.81 -23.70
CA SER B 217 -3.11 8.19 -22.35
C SER B 217 -4.61 8.46 -22.22
N ARG B 218 -5.21 9.10 -23.23
CA ARG B 218 -6.66 9.38 -23.18
C ARG B 218 -7.44 8.09 -23.14
N GLN B 219 -7.07 7.18 -24.02
CA GLN B 219 -7.73 5.89 -24.14
C GLN B 219 -7.65 5.14 -22.81
N ARG B 220 -6.45 5.11 -22.23
CA ARG B 220 -6.21 4.43 -20.97
C ARG B 220 -7.01 5.01 -19.81
N THR B 221 -7.07 6.33 -19.74
CA THR B 221 -7.75 6.97 -18.64
C THR B 221 -9.28 6.76 -18.72
N ILE B 222 -9.85 6.91 -19.92
CA ILE B 222 -11.26 6.61 -20.13
C ILE B 222 -11.65 5.19 -19.73
N GLU B 223 -10.80 4.22 -20.09
CA GLU B 223 -11.09 2.81 -19.84
C GLU B 223 -10.91 2.41 -18.37
N ARG B 224 -9.82 2.87 -17.76
CA ARG B 224 -9.41 2.39 -16.44
C ARG B 224 -9.74 3.32 -15.29
N ARG B 225 -9.76 4.63 -15.55
CA ARG B 225 -9.97 5.63 -14.50
C ARG B 225 -10.86 6.77 -14.97
N PRO B 226 -12.10 6.47 -15.38
CA PRO B 226 -12.95 7.53 -15.92
C PRO B 226 -13.21 8.66 -14.91
N ASP B 227 -13.09 8.36 -13.61
CA ASP B 227 -13.29 9.36 -12.57
C ASP B 227 -12.32 10.54 -12.70
N LEU B 228 -11.10 10.27 -13.18
CA LEU B 228 -10.09 11.33 -13.29
C LEU B 228 -10.52 12.41 -14.29
N LEU B 229 -11.38 12.04 -15.24
CA LEU B 229 -11.87 13.01 -16.24
C LEU B 229 -13.32 13.44 -15.98
N GLY B 230 -13.83 13.14 -14.80
CA GLY B 230 -15.16 13.57 -14.41
C GLY B 230 -16.30 12.73 -14.96
N PHE B 231 -16.06 11.43 -15.12
CA PHE B 231 -17.11 10.51 -15.56
C PHE B 231 -17.43 9.46 -14.48
N ASP B 232 -18.59 8.83 -14.59
CA ASP B 232 -19.02 7.81 -13.64
C ASP B 232 -18.05 6.62 -13.58
N SER B 233 -17.90 6.06 -12.37
CA SER B 233 -17.13 4.84 -12.17
C SER B 233 -17.96 3.62 -12.53
N PRO B 234 -17.31 2.56 -13.04
CA PRO B 234 -18.01 1.39 -13.58
C PRO B 234 -18.72 0.51 -12.53
N THR B 235 -19.66 -0.30 -13.01
CA THR B 235 -20.38 -1.28 -12.18
C THR B 235 -20.96 -0.66 -10.90
C10 JBZ C . 2.15 2.21 -8.03
C01 JBZ C . 7.95 1.39 -12.08
O02 JBZ C . 7.11 0.58 -11.29
C03 JBZ C . 6.12 1.25 -10.55
C04 JBZ C . 6.23 2.61 -10.27
C05 JBZ C . 5.24 3.25 -9.54
C06 JBZ C . 4.13 2.53 -9.08
C07 JBZ C . 4.02 1.16 -9.36
C08 JBZ C . 5.02 0.52 -10.10
S09 JBZ C . 2.55 0.63 -8.63
N11 JBZ C . 3.10 3.08 -8.36
C12 JBZ C . 0.87 2.42 -7.30
O13 JBZ C . 0.49 3.56 -6.91
O14 JBZ C . 0.12 1.41 -7.22
S SO4 D . -4.10 21.39 11.98
O1 SO4 D . -5.50 21.67 11.68
O2 SO4 D . -3.27 21.84 10.87
O3 SO4 D . -3.92 19.95 12.17
O4 SO4 D . -3.72 22.11 13.19
C10 JBZ E . -5.07 0.69 6.08
C01 JBZ E . -5.07 -1.99 12.68
O02 JBZ E . -4.28 -1.08 11.94
C03 JBZ E . -4.60 -0.95 10.57
C04 JBZ E . -5.38 -1.90 9.94
C05 JBZ E . -5.73 -1.77 8.59
C06 JBZ E . -5.29 -0.65 7.88
C07 JBZ E . -4.51 0.31 8.51
C08 JBZ E . -4.16 0.18 9.87
S09 JBZ E . -4.18 1.51 7.31
N11 JBZ E . -5.61 -0.44 6.56
C12 JBZ E . -5.23 1.31 4.73
O13 JBZ E . -5.98 0.78 3.86
O14 JBZ E . -4.71 2.44 4.62
#